data_2JDR
#
_entry.id   2JDR
#
_cell.length_a   44.927
_cell.length_b   60.994
_cell.length_c   124.963
_cell.angle_alpha   90.00
_cell.angle_beta   90.00
_cell.angle_gamma   90.00
#
_symmetry.space_group_name_H-M   'P 21 21 21'
#
loop_
_entity.id
_entity.type
_entity.pdbx_description
1 polymer 'RAC-BETA SERINE/THREONINE-PROTEIN KINASE'
2 polymer 'GLYCOGEN SYNTHASE KINASE-3 BETA'
3 non-polymer (2S)-1-(1H-INDOL-3-YL)-3-{[5-(3-METHYL-1H-INDAZOL-5-YL)PYRIDIN-3-YL]OXY}PROPAN-2-AMINE
4 water water
#
loop_
_entity_poly.entity_id
_entity_poly.type
_entity_poly.pdbx_seq_one_letter_code
_entity_poly.pdbx_strand_id
1 'polypeptide(L)'
;GAMDPKVTMNDFDYLKLLGKGTFGKVILVREKATGRYYAMKILRKEVIIAKDEVAHTVTESRVLQNTRHPFLTALKYAFQ
THDRLCFVMEYANGGELFFHLSRERVFTEERARFYGAEIVSALEYLHSRDVVYRDIKLENLMLDKDGHIKITDFGLCKEG
ISDGATMK(TPO)FCGTPEYLAPEVLEDNDYGRAVDWWGLGVVMYEMMCGRLPFYNQDHERLFELILMEEIRFPRTLSPE
AKSLLAGLLKKDPKQRLGGGPSDAKEVMEHRFFLSINWQDVVQKKLLPPFKPQVTSEVDTRYFDDEFTAQSITITPPDRY
DSLGLLELDQREEQEMFEDFDYIADW
;
A
2 'polypeptide(L)' GRPRTTSFAE C
#
loop_
_chem_comp.id
_chem_comp.type
_chem_comp.name
_chem_comp.formula
L20 non-polymer (2S)-1-(1H-INDOL-3-YL)-3-{[5-(3-METHYL-1H-INDAZOL-5-YL)PYRIDIN-3-YL]OXY}PROPAN-2-AMINE 'C24 H23 N5 O'
#
# COMPACT_ATOMS: atom_id res chain seq x y z
N LYS A 6 9.95 19.41 -19.69
CA LYS A 6 10.47 18.01 -19.75
C LYS A 6 11.53 17.75 -18.66
N VAL A 7 11.51 16.53 -18.13
CA VAL A 7 12.44 16.11 -17.08
C VAL A 7 13.21 14.90 -17.62
N THR A 8 14.51 14.85 -17.34
CA THR A 8 15.39 13.86 -17.99
C THR A 8 15.96 12.86 -17.00
N MET A 9 16.13 11.62 -17.46
CA MET A 9 16.85 10.58 -16.74
C MET A 9 18.04 11.20 -16.00
N ASN A 10 18.91 11.90 -16.74
CA ASN A 10 20.08 12.55 -16.14
C ASN A 10 19.81 13.93 -15.52
N ASP A 11 18.57 14.19 -15.09
CA ASP A 11 18.29 15.24 -14.09
C ASP A 11 18.46 14.61 -12.70
N PHE A 12 18.81 13.31 -12.68
CA PHE A 12 18.82 12.54 -11.45
C PHE A 12 20.07 11.74 -11.26
N ASP A 13 20.67 11.94 -10.07
CA ASP A 13 21.67 11.05 -9.53
C ASP A 13 20.98 9.79 -9.05
N TYR A 14 21.63 8.65 -9.26
CA TYR A 14 21.12 7.37 -8.79
C TYR A 14 21.93 6.90 -7.60
N LEU A 15 21.50 7.34 -6.41
CA LEU A 15 22.27 7.27 -5.16
C LEU A 15 22.24 5.89 -4.48
N LYS A 16 21.04 5.35 -4.26
CA LYS A 16 20.90 4.08 -3.53
C LYS A 16 19.69 3.28 -3.97
N LEU A 17 19.87 1.96 -4.12
CA LEU A 17 18.79 1.04 -4.48
C LEU A 17 17.87 0.70 -3.28
N LEU A 18 16.67 1.31 -3.23
CA LEU A 18 15.73 1.07 -2.14
C LEU A 18 14.99 -0.25 -2.26
N GLY A 19 14.48 -0.52 -3.46
CA GLY A 19 13.80 -1.77 -3.73
C GLY A 19 13.90 -2.20 -5.17
N LYS A 20 13.74 -3.49 -5.38
CA LYS A 20 13.83 -4.09 -6.72
C LYS A 20 13.02 -5.38 -6.73
N GLY A 21 12.32 -5.65 -7.84
CA GLY A 21 11.64 -6.93 -8.02
C GLY A 21 10.42 -6.91 -8.90
N THR A 22 9.54 -7.90 -8.71
CA THR A 22 8.23 -7.97 -9.40
C THR A 22 7.84 -6.65 -10.07
N PHE A 23 7.58 -5.63 -9.26
CA PHE A 23 7.28 -4.27 -9.74
C PHE A 23 8.31 -3.78 -10.78
N GLY A 24 9.51 -3.50 -10.32
CA GLY A 24 10.54 -2.91 -11.15
C GLY A 24 11.72 -2.63 -10.26
N LYS A 25 12.07 -1.36 -10.14
CA LYS A 25 13.26 -0.93 -9.40
C LYS A 25 13.01 0.45 -8.87
N VAL A 26 12.97 0.59 -7.55
CA VAL A 26 12.90 1.94 -6.96
C VAL A 26 14.26 2.25 -6.36
N ILE A 27 14.70 3.48 -6.60
CA ILE A 27 16.04 3.92 -6.29
C ILE A 27 15.89 5.26 -5.67
N LEU A 28 16.65 5.49 -4.61
CA LEU A 28 16.71 6.82 -4.02
C LEU A 28 17.53 7.68 -4.97
N VAL A 29 16.92 8.74 -5.50
CA VAL A 29 17.60 9.66 -6.41
C VAL A 29 17.73 11.05 -5.83
N ARG A 30 18.59 11.84 -6.44
CA ARG A 30 18.61 13.29 -6.22
C ARG A 30 18.36 14.02 -7.53
N GLU A 31 17.54 15.08 -7.45
CA GLU A 31 17.30 15.99 -8.55
C GLU A 31 18.50 16.93 -8.69
N LYS A 32 19.20 16.86 -9.82
CA LYS A 32 20.42 17.67 -10.03
C LYS A 32 20.18 19.18 -9.88
N ALA A 33 19.03 19.66 -10.36
CA ALA A 33 18.66 21.05 -10.22
C ALA A 33 18.50 21.47 -8.75
N THR A 34 17.45 20.96 -8.12
CA THR A 34 17.02 21.44 -6.79
C THR A 34 17.68 20.69 -5.64
N GLY A 35 18.40 19.60 -5.95
CA GLY A 35 19.00 18.77 -4.91
C GLY A 35 18.02 18.01 -4.03
N ARG A 36 16.74 18.02 -4.39
CA ARG A 36 15.70 17.35 -3.60
C ARG A 36 15.86 15.86 -3.78
N TYR A 37 15.32 15.11 -2.82
CA TYR A 37 15.43 13.67 -2.84
C TYR A 37 14.07 13.04 -3.13
N TYR A 38 14.11 11.96 -3.92
CA TYR A 38 12.91 11.25 -4.37
C TYR A 38 13.18 9.77 -4.49
N ALA A 39 12.09 9.03 -4.61
CA ALA A 39 12.14 7.64 -4.95
C ALA A 39 11.57 7.58 -6.37
N MET A 40 12.34 6.92 -7.24
CA MET A 40 11.98 6.82 -8.64
C MET A 40 11.79 5.36 -8.98
N LYS A 41 10.56 5.03 -9.34
CA LYS A 41 10.21 3.69 -9.80
C LYS A 41 10.55 3.63 -11.30
N ILE A 42 11.42 2.70 -11.66
CA ILE A 42 11.92 2.56 -13.02
C ILE A 42 11.42 1.25 -13.61
N LEU A 43 10.53 1.36 -14.61
CA LEU A 43 10.01 0.19 -15.31
C LEU A 43 10.49 0.14 -16.77
N ARG A 44 10.76 -1.07 -17.26
CA ARG A 44 11.10 -1.30 -18.67
C ARG A 44 9.83 -1.54 -19.50
N LYS A 45 9.60 -0.69 -20.50
CA LYS A 45 8.41 -0.77 -21.36
C LYS A 45 8.21 -2.17 -21.95
N GLU A 46 9.33 -2.84 -22.24
CA GLU A 46 9.30 -4.20 -22.78
C GLU A 46 8.55 -5.13 -21.82
N VAL A 47 8.90 -5.05 -20.54
CA VAL A 47 8.33 -5.90 -19.49
C VAL A 47 6.83 -5.72 -19.36
N ILE A 48 6.39 -4.48 -19.55
CA ILE A 48 5.01 -4.08 -19.30
C ILE A 48 4.09 -4.61 -20.41
N ILE A 49 4.49 -4.33 -21.64
CA ILE A 49 3.80 -4.79 -22.86
C ILE A 49 3.80 -6.31 -22.94
N ALA A 50 4.99 -6.91 -22.72
CA ALA A 50 5.13 -8.36 -22.72
C ALA A 50 4.03 -9.03 -21.91
N LYS A 51 3.67 -8.39 -20.80
CA LYS A 51 2.76 -8.99 -19.81
C LYS A 51 1.33 -8.45 -19.86
N ASP A 52 0.96 -7.74 -20.93
CA ASP A 52 -0.39 -7.15 -21.05
C ASP A 52 -0.64 -6.07 -20.00
N GLU A 53 -0.01 -6.22 -18.82
CA GLU A 53 -0.21 -5.32 -17.69
C GLU A 53 0.39 -3.96 -17.95
N VAL A 54 -0.12 -3.34 -19.01
CA VAL A 54 0.25 -2.00 -19.43
C VAL A 54 -0.80 -1.05 -18.89
N ALA A 55 -2.05 -1.52 -18.82
CA ALA A 55 -3.16 -0.73 -18.29
C ALA A 55 -3.02 -0.43 -16.79
N HIS A 56 -2.34 -1.32 -16.07
CA HIS A 56 -2.03 -1.11 -14.65
C HIS A 56 -0.97 -0.03 -14.50
N THR A 57 0.10 -0.14 -15.29
CA THR A 57 1.18 0.85 -15.30
C THR A 57 0.73 2.19 -15.89
N VAL A 58 -0.40 2.19 -16.58
CA VAL A 58 -1.03 3.43 -17.01
C VAL A 58 -1.92 3.94 -15.89
N THR A 59 -2.75 3.07 -15.33
CA THR A 59 -3.70 3.47 -14.26
C THR A 59 -2.98 3.96 -13.01
N GLU A 60 -1.86 3.33 -12.69
CA GLU A 60 -1.04 3.84 -11.61
C GLU A 60 -0.72 5.34 -11.79
N SER A 61 -0.30 5.73 -12.99
CA SER A 61 -0.03 7.15 -13.26
C SER A 61 -1.28 8.00 -13.14
N ARG A 62 -2.38 7.59 -13.77
CA ARG A 62 -3.61 8.38 -13.71
C ARG A 62 -4.07 8.62 -12.28
N VAL A 63 -3.87 7.62 -11.43
CA VAL A 63 -4.33 7.69 -10.03
C VAL A 63 -3.43 8.58 -9.20
N LEU A 64 -2.12 8.40 -9.36
CA LEU A 64 -1.15 9.27 -8.70
C LEU A 64 -1.28 10.75 -9.13
N GLN A 65 -1.85 10.97 -10.33
CA GLN A 65 -2.09 12.32 -10.87
C GLN A 65 -3.36 12.95 -10.32
N ASN A 66 -4.36 12.14 -10.00
CA ASN A 66 -5.65 12.64 -9.54
C ASN A 66 -5.94 12.43 -8.05
N THR A 67 -4.93 11.99 -7.27
CA THR A 67 -5.11 11.78 -5.83
C THR A 67 -4.23 12.71 -5.00
N ARG A 68 -4.77 13.27 -3.92
CA ARG A 68 -3.98 14.12 -3.04
C ARG A 68 -4.36 13.90 -1.55
N HIS A 69 -3.45 13.29 -0.81
CA HIS A 69 -3.73 12.89 0.58
C HIS A 69 -2.42 12.68 1.36
N PRO A 70 -2.38 13.11 2.64
CA PRO A 70 -1.16 12.94 3.41
C PRO A 70 -0.60 11.51 3.48
N PHE A 71 -1.47 10.51 3.41
CA PHE A 71 -1.04 9.11 3.61
C PHE A 71 -0.96 8.31 2.32
N LEU A 72 -1.08 9.03 1.19
CA LEU A 72 -0.72 8.50 -0.10
C LEU A 72 0.57 9.14 -0.62
N THR A 73 1.45 8.30 -1.16
CA THR A 73 2.62 8.78 -1.89
C THR A 73 2.19 9.71 -3.02
N ALA A 74 2.64 10.95 -2.97
CA ALA A 74 2.39 11.93 -4.04
C ALA A 74 3.48 11.85 -5.13
N LEU A 75 3.03 11.97 -6.37
CA LEU A 75 3.88 11.94 -7.56
C LEU A 75 4.40 13.35 -7.86
N LYS A 76 5.70 13.47 -8.07
CA LYS A 76 6.33 14.75 -8.39
C LYS A 76 6.39 14.93 -9.93
N TYR A 77 7.07 14.00 -10.61
CA TYR A 77 7.04 13.92 -12.07
C TYR A 77 6.92 12.46 -12.51
N ALA A 78 6.28 12.26 -13.68
CA ALA A 78 6.30 10.99 -14.42
C ALA A 78 6.64 11.31 -15.88
N PHE A 79 7.47 10.45 -16.48
CA PHE A 79 7.94 10.61 -17.88
C PHE A 79 8.44 9.27 -18.43
N GLN A 80 8.90 9.26 -19.68
CA GLN A 80 9.53 8.06 -20.26
C GLN A 80 10.77 8.33 -21.14
N THR A 81 11.41 7.26 -21.58
CA THR A 81 12.53 7.34 -22.49
C THR A 81 12.33 6.32 -23.60
N HIS A 82 13.22 6.35 -24.61
CA HIS A 82 13.23 5.36 -25.71
C HIS A 82 13.15 3.88 -25.28
N ASP A 83 13.02 3.61 -23.98
CA ASP A 83 13.11 2.25 -23.43
C ASP A 83 12.34 1.97 -22.12
N ARG A 84 12.00 3.02 -21.37
CA ARG A 84 11.55 2.88 -19.98
C ARG A 84 10.50 3.91 -19.53
N LEU A 85 9.52 3.42 -18.76
CA LEU A 85 8.56 4.28 -18.06
C LEU A 85 9.07 4.55 -16.65
N CYS A 86 8.88 5.77 -16.16
CA CYS A 86 9.37 6.12 -14.82
C CYS A 86 8.50 7.13 -14.04
N PHE A 87 8.41 6.89 -12.72
CA PHE A 87 7.70 7.77 -11.78
C PHE A 87 8.71 8.30 -10.79
N VAL A 88 8.58 9.59 -10.46
CA VAL A 88 9.36 10.21 -9.41
C VAL A 88 8.38 10.64 -8.32
N MET A 89 8.59 10.10 -7.13
CA MET A 89 7.61 10.25 -6.06
C MET A 89 8.31 10.72 -4.81
N GLU A 90 7.54 11.32 -3.89
CA GLU A 90 8.10 11.71 -2.61
C GLU A 90 8.77 10.51 -1.95
N TYR A 91 9.85 10.78 -1.24
CA TYR A 91 10.67 9.74 -0.66
C TYR A 91 10.17 9.49 0.77
N ALA A 92 9.99 8.21 1.11
CA ALA A 92 9.59 7.86 2.47
C ALA A 92 10.82 7.30 3.16
N ASN A 93 11.51 8.15 3.94
CA ASN A 93 12.78 7.80 4.62
C ASN A 93 12.68 6.62 5.61
N GLY A 94 11.46 6.40 6.12
CA GLY A 94 11.22 5.53 7.28
C GLY A 94 11.16 4.07 6.98
N GLY A 95 11.25 3.71 5.71
CA GLY A 95 11.16 2.31 5.31
C GLY A 95 9.70 1.92 5.31
N GLU A 96 9.45 0.61 5.26
CA GLU A 96 8.07 0.10 5.30
C GLU A 96 7.83 -0.65 6.58
N LEU A 97 6.55 -0.80 6.89
CA LEU A 97 6.10 -1.37 8.15
C LEU A 97 6.51 -2.82 8.35
N PHE A 98 6.56 -3.56 7.25
CA PHE A 98 6.96 -4.95 7.30
C PHE A 98 8.36 -5.09 7.92
N PHE A 99 9.27 -4.22 7.50
CA PHE A 99 10.59 -4.09 8.09
C PHE A 99 10.51 -3.81 9.58
N HIS A 100 9.72 -2.82 9.99
CA HIS A 100 9.69 -2.49 11.41
C HIS A 100 9.02 -3.60 12.21
N LEU A 101 7.98 -4.19 11.62
CA LEU A 101 7.17 -5.17 12.34
C LEU A 101 7.99 -6.43 12.63
N SER A 102 8.65 -6.93 11.59
CA SER A 102 9.65 -8.01 11.64
C SER A 102 10.61 -7.93 12.79
N ARG A 103 11.07 -6.73 13.06
CA ARG A 103 12.05 -6.43 14.08
C ARG A 103 11.35 -6.35 15.43
N GLU A 104 10.21 -5.66 15.45
CA GLU A 104 9.47 -5.47 16.68
C GLU A 104 8.65 -6.70 17.01
N ARG A 105 8.40 -7.55 16.00
CA ARG A 105 7.55 -8.75 16.17
C ARG A 105 6.08 -8.40 16.28
N VAL A 106 5.73 -7.43 17.10
CA VAL A 106 4.33 -7.00 17.21
C VAL A 106 4.33 -5.51 17.62
N PHE A 107 3.27 -4.79 17.28
CA PHE A 107 3.07 -3.45 17.81
C PHE A 107 2.04 -3.49 18.93
N THR A 108 2.04 -2.44 19.74
CA THR A 108 1.02 -2.21 20.76
C THR A 108 -0.26 -1.91 20.02
N GLU A 109 -1.39 -2.10 20.66
CA GLU A 109 -2.69 -1.77 20.07
C GLU A 109 -2.75 -0.31 19.67
N GLU A 110 -2.19 0.54 20.51
CA GLU A 110 -2.23 1.98 20.29
C GLU A 110 -1.43 2.36 19.07
N ARG A 111 -0.24 1.78 18.93
CA ARG A 111 0.57 1.95 17.75
C ARG A 111 -0.12 1.43 16.48
N ALA A 112 -0.74 0.26 16.59
CA ALA A 112 -1.49 -0.30 15.45
C ALA A 112 -2.69 0.60 15.11
N ARG A 113 -3.27 1.21 16.13
CA ARG A 113 -4.40 2.11 15.96
C ARG A 113 -4.01 3.36 15.19
N PHE A 114 -2.82 3.90 15.48
CA PHE A 114 -2.30 5.04 14.75
C PHE A 114 -2.17 4.74 13.25
N TYR A 115 -1.48 3.66 12.90
CA TYR A 115 -1.30 3.34 11.50
C TYR A 115 -2.62 2.96 10.89
N GLY A 116 -3.41 2.15 11.59
CA GLY A 116 -4.78 1.86 11.13
C GLY A 116 -5.63 3.07 10.79
N ALA A 117 -5.74 4.02 11.72
CA ALA A 117 -6.49 5.24 11.45
C ALA A 117 -6.02 5.97 10.17
N GLU A 118 -4.71 6.08 9.98
CA GLU A 118 -4.17 6.76 8.81
C GLU A 118 -4.48 5.98 7.53
N ILE A 119 -4.54 4.66 7.64
CA ILE A 119 -4.92 3.80 6.50
C ILE A 119 -6.38 3.91 6.21
N VAL A 120 -7.20 3.86 7.26
CA VAL A 120 -8.64 4.06 7.11
C VAL A 120 -8.85 5.44 6.45
N SER A 121 -8.02 6.40 6.83
CA SER A 121 -8.10 7.74 6.25
C SER A 121 -7.82 7.76 4.74
N ALA A 122 -6.66 7.26 4.33
CA ALA A 122 -6.33 7.10 2.91
C ALA A 122 -7.41 6.35 2.12
N LEU A 123 -7.95 5.25 2.66
CA LEU A 123 -8.92 4.41 1.93
C LEU A 123 -10.29 5.05 1.75
N GLU A 124 -10.76 5.70 2.79
CA GLU A 124 -11.96 6.54 2.73
C GLU A 124 -11.81 7.57 1.64
N TYR A 125 -10.67 8.27 1.64
CA TYR A 125 -10.38 9.26 0.60
C TYR A 125 -10.39 8.64 -0.80
N LEU A 126 -9.73 7.49 -0.96
CA LEU A 126 -9.66 6.78 -2.26
C LEU A 126 -11.05 6.31 -2.72
N HIS A 127 -11.79 5.72 -1.81
CA HIS A 127 -13.16 5.32 -2.09
C HIS A 127 -14.03 6.51 -2.45
N SER A 128 -13.86 7.65 -1.75
CA SER A 128 -14.60 8.88 -2.10
C SER A 128 -14.36 9.31 -3.56
N ARG A 129 -13.17 9.01 -4.08
CA ARG A 129 -12.81 9.33 -5.44
C ARG A 129 -13.14 8.20 -6.43
N ASP A 130 -13.92 7.20 -6.00
CA ASP A 130 -14.20 5.98 -6.78
C ASP A 130 -12.97 5.15 -7.17
N VAL A 131 -11.93 5.17 -6.33
CA VAL A 131 -10.79 4.28 -6.52
C VAL A 131 -10.82 3.11 -5.49
N VAL A 132 -10.60 1.89 -5.98
CA VAL A 132 -10.37 0.73 -5.12
C VAL A 132 -8.91 0.35 -5.27
N TYR A 133 -8.19 0.26 -4.14
CA TYR A 133 -6.74 0.11 -4.14
C TYR A 133 -6.30 -1.32 -4.39
N ARG A 134 -7.00 -2.26 -3.76
CA ARG A 134 -6.87 -3.72 -3.99
C ARG A 134 -5.54 -4.38 -3.58
N ASP A 135 -4.59 -3.63 -3.03
CA ASP A 135 -3.32 -4.24 -2.66
C ASP A 135 -2.80 -3.80 -1.30
N ILE A 136 -3.71 -3.63 -0.34
CA ILE A 136 -3.31 -3.28 1.01
C ILE A 136 -2.48 -4.42 1.55
N LYS A 137 -1.22 -4.14 1.90
CA LYS A 137 -0.34 -5.09 2.58
C LYS A 137 0.78 -4.34 3.25
N LEU A 138 1.37 -4.93 4.30
CA LEU A 138 2.47 -4.26 5.05
C LEU A 138 3.56 -3.68 4.16
N GLU A 139 3.96 -4.48 3.17
CA GLU A 139 5.04 -4.17 2.23
C GLU A 139 4.80 -2.86 1.45
N ASN A 140 3.53 -2.50 1.28
CA ASN A 140 3.16 -1.29 0.52
C ASN A 140 2.92 -0.11 1.41
N LEU A 141 3.09 -0.31 2.72
CA LEU A 141 2.90 0.77 3.71
C LEU A 141 4.28 1.23 4.13
N MET A 142 4.72 2.36 3.56
CA MET A 142 5.98 3.00 3.94
C MET A 142 5.70 4.00 5.05
N LEU A 143 6.74 4.40 5.77
CA LEU A 143 6.69 5.55 6.70
C LEU A 143 7.52 6.70 6.18
N ASP A 144 7.00 7.90 6.32
CA ASP A 144 7.77 9.07 5.97
C ASP A 144 8.66 9.47 7.14
N LYS A 145 9.39 10.58 6.93
CA LYS A 145 10.41 11.05 7.84
C LYS A 145 9.81 11.35 9.21
N ASP A 146 8.52 11.69 9.25
CA ASP A 146 7.83 11.99 10.51
C ASP A 146 7.16 10.79 11.18
N GLY A 147 7.26 9.60 10.58
CA GLY A 147 6.60 8.39 11.08
C GLY A 147 5.12 8.26 10.71
N HIS A 148 4.69 8.99 9.67
CA HIS A 148 3.34 8.88 9.10
C HIS A 148 3.29 7.87 7.93
N ILE A 149 2.18 7.15 7.83
CA ILE A 149 2.00 6.15 6.78
C ILE A 149 2.05 6.76 5.39
N LYS A 150 2.73 6.09 4.46
CA LYS A 150 2.67 6.46 3.06
C LYS A 150 2.35 5.19 2.32
N ILE A 151 1.15 5.15 1.73
CA ILE A 151 0.72 4.07 0.87
C ILE A 151 1.39 4.24 -0.47
N THR A 152 1.79 3.10 -1.01
CA THR A 152 2.73 3.02 -2.08
C THR A 152 2.24 1.91 -3.02
N ASP A 153 2.61 1.97 -4.30
CA ASP A 153 2.25 0.97 -5.34
C ASP A 153 0.75 0.94 -5.69
N PHE A 154 0.39 1.79 -6.65
CA PHE A 154 -0.96 1.90 -7.14
C PHE A 154 -1.25 1.08 -8.42
N GLY A 155 -0.36 0.13 -8.72
CA GLY A 155 -0.52 -0.77 -9.86
C GLY A 155 -1.89 -1.40 -10.02
N LEU A 156 -2.45 -1.94 -8.93
CA LEU A 156 -3.64 -2.76 -9.04
C LEU A 156 -4.89 -1.96 -8.80
N CYS A 157 -4.75 -0.64 -8.67
CA CYS A 157 -5.92 0.20 -8.43
C CYS A 157 -6.96 -0.04 -9.53
N LYS A 158 -8.20 0.28 -9.22
CA LYS A 158 -9.27 0.34 -10.22
C LYS A 158 -10.09 1.61 -9.98
N GLU A 159 -10.24 2.44 -11.02
CA GLU A 159 -11.10 3.65 -10.98
C GLU A 159 -12.53 3.34 -11.41
N GLY A 160 -13.44 4.27 -11.19
CA GLY A 160 -14.80 4.13 -11.73
C GLY A 160 -15.71 3.33 -10.82
N ILE A 161 -15.23 3.08 -9.62
CA ILE A 161 -15.87 2.16 -8.72
C ILE A 161 -16.55 2.96 -7.62
N SER A 162 -17.77 3.37 -7.92
CA SER A 162 -18.62 4.07 -6.98
C SER A 162 -19.63 3.10 -6.39
N ASP A 163 -19.90 3.26 -5.09
CA ASP A 163 -20.91 2.49 -4.36
C ASP A 163 -20.84 1.00 -4.68
N GLY A 164 -21.91 0.40 -5.19
CA GLY A 164 -21.93 -1.05 -5.42
C GLY A 164 -21.38 -1.54 -6.74
N ALA A 165 -20.61 -0.70 -7.43
CA ALA A 165 -19.91 -1.11 -8.67
C ALA A 165 -18.95 -2.25 -8.33
N THR A 166 -18.57 -3.02 -9.35
CA THR A 166 -17.83 -4.24 -9.12
C THR A 166 -16.68 -4.36 -10.07
N MET A 167 -15.80 -5.31 -9.77
CA MET A 167 -14.59 -5.57 -10.47
C MET A 167 -14.48 -7.06 -10.69
N LYS A 168 -13.65 -7.46 -11.64
CA LYS A 168 -13.50 -8.86 -12.05
C LYS A 168 -12.06 -9.36 -12.11
N TPO A 169 -11.07 -8.47 -12.09
CA TPO A 169 -9.69 -8.94 -12.22
CB TPO A 169 -8.71 -7.81 -12.50
CG2 TPO A 169 -7.31 -8.29 -12.85
OG1 TPO A 169 -9.26 -7.08 -13.60
P TPO A 169 -9.71 -5.55 -13.47
O1P TPO A 169 -8.46 -4.76 -13.13
O2P TPO A 169 -10.86 -5.56 -12.49
O3P TPO A 169 -10.05 -5.23 -14.92
C TPO A 169 -9.34 -9.70 -10.96
O TPO A 169 -9.58 -9.22 -9.85
N PHE A 170 -8.87 -10.93 -11.18
CA PHE A 170 -8.33 -11.75 -10.13
C PHE A 170 -6.92 -11.21 -9.94
N CYS A 171 -6.74 -10.45 -8.87
CA CYS A 171 -5.48 -9.78 -8.58
C CYS A 171 -5.38 -9.37 -7.10
N GLY A 172 -4.21 -8.86 -6.73
CA GLY A 172 -3.87 -8.62 -5.33
C GLY A 172 -2.70 -9.50 -4.93
N THR A 173 -2.44 -9.62 -3.64
CA THR A 173 -1.38 -10.48 -3.14
C THR A 173 -2.04 -11.62 -2.38
N PRO A 174 -1.63 -12.87 -2.69
CA PRO A 174 -2.33 -14.09 -2.30
C PRO A 174 -2.72 -14.21 -0.84
N GLU A 175 -1.76 -13.91 0.01
CA GLU A 175 -1.91 -13.90 1.45
C GLU A 175 -2.95 -12.87 1.88
N TYR A 176 -3.15 -11.86 1.08
CA TYR A 176 -4.02 -10.76 1.41
C TYR A 176 -5.39 -10.77 0.68
N LEU A 177 -5.65 -11.80 -0.13
CA LEU A 177 -6.88 -11.85 -0.92
C LEU A 177 -8.10 -12.02 -0.05
N ALA A 178 -9.14 -11.25 -0.37
CA ALA A 178 -10.44 -11.41 0.24
C ALA A 178 -11.10 -12.70 -0.30
N PRO A 179 -11.87 -13.38 0.55
CA PRO A 179 -12.58 -14.58 0.10
C PRO A 179 -13.38 -14.38 -1.19
N GLU A 180 -14.14 -13.30 -1.28
CA GLU A 180 -14.97 -13.10 -2.46
C GLU A 180 -14.10 -13.09 -3.72
N VAL A 181 -12.88 -12.58 -3.61
CA VAL A 181 -11.96 -12.55 -4.75
C VAL A 181 -11.48 -13.95 -5.18
N LEU A 182 -11.58 -14.91 -4.24
CA LEU A 182 -11.27 -16.31 -4.46
C LEU A 182 -12.48 -17.15 -4.96
N GLU A 183 -13.62 -16.48 -5.17
CA GLU A 183 -14.77 -17.10 -5.79
C GLU A 183 -14.86 -16.54 -7.18
N ASP A 184 -15.75 -17.09 -8.00
CA ASP A 184 -15.94 -16.58 -9.37
C ASP A 184 -16.77 -15.29 -9.41
N ASN A 185 -16.83 -14.71 -10.60
CA ASN A 185 -17.60 -13.48 -10.83
C ASN A 185 -16.92 -12.29 -10.14
N ASP A 186 -17.71 -11.30 -9.71
CA ASP A 186 -17.21 -9.96 -9.45
C ASP A 186 -17.20 -9.68 -7.95
N TYR A 187 -16.50 -8.61 -7.56
CA TYR A 187 -16.42 -8.16 -6.16
C TYR A 187 -16.41 -6.64 -6.11
N GLY A 188 -16.49 -6.09 -4.92
CA GLY A 188 -16.56 -4.66 -4.71
C GLY A 188 -15.47 -4.15 -3.82
N ARG A 189 -15.69 -2.93 -3.31
CA ARG A 189 -14.65 -2.12 -2.70
C ARG A 189 -14.26 -2.61 -1.31
N ALA A 190 -15.13 -3.44 -0.73
CA ALA A 190 -14.95 -4.03 0.58
C ALA A 190 -13.72 -4.92 0.67
N VAL A 191 -13.14 -5.31 -0.44
CA VAL A 191 -11.81 -5.96 -0.44
C VAL A 191 -10.74 -5.13 0.26
N ASP A 192 -10.84 -3.81 0.19
CA ASP A 192 -9.86 -2.96 0.86
C ASP A 192 -9.97 -3.09 2.38
N TRP A 193 -11.16 -3.38 2.89
CA TRP A 193 -11.33 -3.45 4.32
C TRP A 193 -10.84 -4.78 4.86
N TRP A 194 -11.07 -5.83 4.09
CA TRP A 194 -10.42 -7.11 4.30
C TRP A 194 -8.92 -6.92 4.41
N GLY A 195 -8.35 -6.23 3.42
CA GLY A 195 -6.92 -5.95 3.38
C GLY A 195 -6.46 -5.22 4.62
N LEU A 196 -7.29 -4.30 5.09
CA LEU A 196 -6.97 -3.52 6.26
C LEU A 196 -6.92 -4.47 7.45
N GLY A 197 -7.91 -5.35 7.52
CA GLY A 197 -7.92 -6.34 8.57
C GLY A 197 -6.68 -7.23 8.62
N VAL A 198 -6.12 -7.58 7.46
CA VAL A 198 -4.92 -8.46 7.42
C VAL A 198 -3.72 -7.71 7.96
N VAL A 199 -3.48 -6.49 7.50
CA VAL A 199 -2.41 -5.70 8.06
C VAL A 199 -2.56 -5.39 9.55
N MET A 200 -3.79 -5.12 10.00
CA MET A 200 -4.03 -4.86 11.43
C MET A 200 -3.84 -6.09 12.28
N TYR A 201 -4.32 -7.22 11.80
CA TYR A 201 -4.10 -8.48 12.48
C TYR A 201 -2.59 -8.72 12.65
N GLU A 202 -1.86 -8.59 11.53
CA GLU A 202 -0.40 -8.72 11.57
C GLU A 202 0.24 -7.77 12.57
N MET A 203 -0.18 -6.50 12.54
CA MET A 203 0.33 -5.50 13.51
C MET A 203 0.11 -5.89 15.01
N MET A 204 -1.04 -6.44 15.32
CA MET A 204 -1.41 -6.66 16.69
C MET A 204 -1.15 -8.09 17.16
N CYS A 205 -1.22 -9.04 16.24
CA CYS A 205 -0.98 -10.44 16.55
C CYS A 205 0.34 -10.95 16.06
N GLY A 206 1.04 -10.19 15.22
CA GLY A 206 2.41 -10.55 14.84
C GLY A 206 2.50 -11.69 13.82
N ARG A 207 1.40 -12.01 13.16
CA ARG A 207 1.49 -12.92 12.02
C ARG A 207 0.33 -12.71 11.10
N LEU A 208 0.40 -13.28 9.90
CA LEU A 208 -0.72 -13.27 9.01
C LEU A 208 -1.79 -14.15 9.62
N PRO A 209 -3.07 -13.83 9.38
CA PRO A 209 -4.13 -14.66 9.89
C PRO A 209 -4.18 -15.97 9.13
N PHE A 210 -3.83 -15.97 7.86
CA PHE A 210 -3.77 -17.23 7.08
C PHE A 210 -2.47 -17.32 6.33
N TYR A 211 -1.82 -18.46 6.47
CA TYR A 211 -0.61 -18.70 5.72
C TYR A 211 -0.36 -20.17 5.39
N ASN A 212 -0.12 -20.39 4.11
CA ASN A 212 0.59 -21.57 3.64
C ASN A 212 1.43 -21.14 2.44
N GLN A 213 2.59 -21.76 2.24
CA GLN A 213 3.46 -21.38 1.12
C GLN A 213 2.96 -21.94 -0.23
N ASP A 214 2.07 -22.94 -0.20
CA ASP A 214 1.27 -23.33 -1.36
C ASP A 214 -0.07 -22.56 -1.41
N HIS A 215 -0.30 -21.94 -2.55
CA HIS A 215 -1.42 -21.03 -2.76
C HIS A 215 -2.79 -21.68 -2.70
N GLU A 216 -2.87 -22.97 -3.02
CA GLU A 216 -4.14 -23.69 -3.07
C GLU A 216 -4.65 -23.96 -1.68
N ARG A 217 -3.72 -24.35 -0.81
CA ARG A 217 -4.00 -24.52 0.64
C ARG A 217 -4.27 -23.17 1.29
N LEU A 218 -3.51 -22.16 0.87
CA LEU A 218 -3.64 -20.78 1.38
C LEU A 218 -5.05 -20.32 1.08
N PHE A 219 -5.48 -20.51 -0.17
CA PHE A 219 -6.79 -20.07 -0.60
C PHE A 219 -7.91 -20.78 0.14
N GLU A 220 -7.80 -22.10 0.24
CA GLU A 220 -8.64 -22.87 1.15
C GLU A 220 -8.70 -22.26 2.55
N LEU A 221 -7.56 -21.82 3.09
CA LEU A 221 -7.57 -21.25 4.48
C LEU A 221 -8.36 -19.95 4.50
N ILE A 222 -8.08 -19.09 3.56
CA ILE A 222 -8.81 -17.82 3.47
C ILE A 222 -10.34 -18.04 3.37
N LEU A 223 -10.72 -18.92 2.45
CA LEU A 223 -12.14 -19.21 2.25
C LEU A 223 -12.81 -19.95 3.42
N MET A 224 -12.08 -20.84 4.10
CA MET A 224 -12.70 -21.84 5.00
C MET A 224 -12.34 -21.78 6.48
N GLU A 225 -11.17 -21.22 6.82
CA GLU A 225 -10.73 -21.29 8.21
C GLU A 225 -11.16 -20.05 8.98
N GLU A 226 -11.62 -20.24 10.22
CA GLU A 226 -11.91 -19.09 11.09
C GLU A 226 -10.63 -18.53 11.68
N ILE A 227 -10.56 -17.20 11.79
CA ILE A 227 -9.44 -16.56 12.44
C ILE A 227 -9.39 -16.92 13.90
N ARG A 228 -8.18 -16.85 14.41
CA ARG A 228 -7.88 -17.02 15.80
C ARG A 228 -7.28 -15.71 16.27
N PHE A 229 -7.41 -15.46 17.55
CA PHE A 229 -6.99 -14.27 18.18
C PHE A 229 -6.21 -14.70 19.42
N PRO A 230 -5.12 -14.00 19.70
CA PRO A 230 -4.45 -14.24 20.96
C PRO A 230 -5.38 -13.91 22.11
N ARG A 231 -5.29 -14.69 23.19
CA ARG A 231 -6.18 -14.50 24.34
C ARG A 231 -6.10 -13.10 24.91
N THR A 232 -4.89 -12.57 25.01
CA THR A 232 -4.69 -11.25 25.60
C THR A 232 -5.13 -10.05 24.74
N LEU A 233 -5.43 -10.26 23.47
CA LEU A 233 -5.94 -9.17 22.63
C LEU A 233 -7.19 -8.51 23.29
N SER A 234 -7.26 -7.19 23.31
CA SER A 234 -8.40 -6.51 23.94
C SER A 234 -9.68 -6.85 23.22
N PRO A 235 -10.82 -6.84 23.93
CA PRO A 235 -12.08 -7.11 23.23
C PRO A 235 -12.33 -6.17 22.04
N GLU A 236 -12.01 -4.88 22.17
CA GLU A 236 -12.18 -3.95 21.05
C GLU A 236 -11.34 -4.34 19.83
N ALA A 237 -10.11 -4.82 20.07
CA ALA A 237 -9.22 -5.26 18.96
C ALA A 237 -9.75 -6.52 18.25
N LYS A 238 -10.14 -7.51 19.05
CA LYS A 238 -10.75 -8.74 18.54
C LYS A 238 -11.96 -8.46 17.68
N SER A 239 -12.80 -7.54 18.15
CA SER A 239 -14.02 -7.14 17.44
C SER A 239 -13.69 -6.50 16.12
N LEU A 240 -12.68 -5.62 16.13
CA LEU A 240 -12.29 -4.92 14.92
C LEU A 240 -11.86 -5.93 13.87
N LEU A 241 -11.00 -6.88 14.29
CA LEU A 241 -10.40 -7.83 13.39
C LEU A 241 -11.46 -8.74 12.87
N ALA A 242 -12.36 -9.18 13.77
CA ALA A 242 -13.50 -10.06 13.40
C ALA A 242 -14.44 -9.39 12.38
N GLY A 243 -14.66 -8.09 12.53
CA GLY A 243 -15.41 -7.32 11.54
C GLY A 243 -14.73 -7.17 10.19
N LEU A 244 -13.49 -6.69 10.17
CA LEU A 244 -12.76 -6.48 8.93
C LEU A 244 -12.49 -7.79 8.16
N LEU A 245 -12.28 -8.88 8.86
CA LEU A 245 -12.02 -10.17 8.23
C LEU A 245 -13.23 -11.14 8.23
N LYS A 246 -14.43 -10.56 8.36
CA LYS A 246 -15.66 -11.22 7.97
C LYS A 246 -15.54 -11.71 6.53
N LYS A 247 -15.83 -12.99 6.30
CA LYS A 247 -15.62 -13.56 4.98
C LYS A 247 -16.70 -13.08 3.99
N ASP A 248 -17.88 -12.73 4.49
CA ASP A 248 -18.94 -12.18 3.66
C ASP A 248 -18.72 -10.67 3.56
N PRO A 249 -18.51 -10.16 2.34
CA PRO A 249 -18.26 -8.72 2.23
C PRO A 249 -19.42 -7.91 2.72
N LYS A 250 -20.62 -8.45 2.65
CA LYS A 250 -21.80 -7.72 3.08
C LYS A 250 -21.91 -7.63 4.58
N GLN A 251 -21.36 -8.62 5.29
CA GLN A 251 -21.39 -8.64 6.75
C GLN A 251 -20.14 -7.91 7.28
N ARG A 252 -19.16 -7.68 6.41
CA ARG A 252 -17.84 -7.11 6.77
C ARG A 252 -17.90 -5.65 7.23
N LEU A 253 -17.06 -5.32 8.20
CA LEU A 253 -17.02 -3.98 8.69
C LEU A 253 -16.44 -3.16 7.53
N GLY A 254 -17.19 -2.15 7.08
CA GLY A 254 -16.87 -1.39 5.88
C GLY A 254 -17.57 -1.86 4.62
N GLY A 255 -18.29 -2.97 4.74
CA GLY A 255 -18.96 -3.66 3.63
C GLY A 255 -20.35 -3.12 3.30
N GLY A 256 -20.93 -2.36 4.21
CA GLY A 256 -22.22 -1.74 3.96
C GLY A 256 -22.16 -0.57 3.00
N PRO A 257 -23.31 0.06 2.75
CA PRO A 257 -23.35 1.25 1.90
C PRO A 257 -22.54 2.46 2.43
N SER A 258 -22.29 2.52 3.73
CA SER A 258 -21.53 3.65 4.31
C SER A 258 -19.99 3.51 4.28
N ASP A 259 -19.45 2.46 3.65
CA ASP A 259 -18.00 2.25 3.48
C ASP A 259 -17.14 2.56 4.78
N ALA A 260 -16.15 3.44 4.66
CA ALA A 260 -15.23 3.79 5.75
C ALA A 260 -15.92 4.22 7.02
N LYS A 261 -17.12 4.78 6.92
CA LYS A 261 -17.81 5.23 8.13
C LYS A 261 -17.99 4.12 9.19
N GLU A 262 -18.30 2.90 8.77
CA GLU A 262 -18.49 1.82 9.76
C GLU A 262 -17.18 1.53 10.50
N VAL A 263 -16.07 1.59 9.78
CA VAL A 263 -14.76 1.33 10.34
C VAL A 263 -14.38 2.47 11.29
N MET A 264 -14.59 3.70 10.81
CA MET A 264 -14.28 4.88 11.62
C MET A 264 -15.06 4.90 12.92
N GLU A 265 -16.29 4.43 12.88
CA GLU A 265 -17.18 4.42 14.06
C GLU A 265 -17.11 3.19 14.96
N HIS A 266 -16.30 2.19 14.57
CA HIS A 266 -16.05 1.03 15.43
C HIS A 266 -15.38 1.47 16.73
N ARG A 267 -15.69 0.79 17.84
CA ARG A 267 -15.18 1.23 19.15
C ARG A 267 -13.65 1.15 19.28
N PHE A 268 -12.99 0.28 18.52
CA PHE A 268 -11.51 0.25 18.50
C PHE A 268 -10.96 1.64 18.24
N PHE A 269 -11.66 2.41 17.41
CA PHE A 269 -11.23 3.76 17.04
C PHE A 269 -11.91 4.88 17.85
N LEU A 270 -12.51 4.55 18.98
CA LEU A 270 -13.27 5.52 19.79
C LEU A 270 -12.47 6.77 20.12
N SER A 271 -11.16 6.61 20.32
CA SER A 271 -10.26 7.70 20.71
C SER A 271 -9.72 8.53 19.54
N ILE A 272 -10.16 8.24 18.31
CA ILE A 272 -9.62 8.91 17.15
C ILE A 272 -10.48 10.09 16.79
N ASN A 273 -9.84 11.20 16.54
CA ASN A 273 -10.44 12.32 15.91
C ASN A 273 -9.96 12.27 14.48
N TRP A 274 -10.85 11.89 13.57
CA TRP A 274 -10.52 11.68 12.15
C TRP A 274 -10.12 12.95 11.42
N GLN A 275 -10.50 14.09 11.95
CA GLN A 275 -9.98 15.35 11.42
C GLN A 275 -8.52 15.61 11.82
N ASP A 276 -8.17 15.24 13.05
CA ASP A 276 -6.79 15.37 13.51
C ASP A 276 -5.83 14.40 12.83
N VAL A 277 -6.36 13.38 12.17
CA VAL A 277 -5.55 12.30 11.58
C VAL A 277 -5.04 12.82 10.28
N VAL A 278 -6.01 13.21 9.47
CA VAL A 278 -5.70 13.65 8.14
C VAL A 278 -4.96 14.97 8.20
N GLN A 279 -5.11 15.72 9.28
CA GLN A 279 -4.37 16.96 9.47
C GLN A 279 -3.11 16.75 10.30
N LYS A 280 -2.72 15.50 10.51
CA LYS A 280 -1.44 15.08 11.11
C LYS A 280 -1.12 15.85 12.36
N LYS A 281 -2.14 16.10 13.15
CA LYS A 281 -1.98 16.80 14.42
C LYS A 281 -1.58 15.84 15.51
N LEU A 282 -1.72 14.54 15.24
CA LEU A 282 -1.41 13.54 16.26
C LEU A 282 0.05 13.13 16.19
N LEU A 283 0.66 13.05 17.38
CA LEU A 283 2.08 12.71 17.53
C LEU A 283 2.31 11.26 17.12
N PRO A 284 3.16 11.03 16.10
CA PRO A 284 3.47 9.65 15.77
C PRO A 284 4.08 8.84 16.92
N PRO A 285 3.87 7.52 16.91
CA PRO A 285 4.38 6.63 17.96
C PRO A 285 5.83 6.26 17.76
N PHE A 286 6.35 6.58 16.57
CA PHE A 286 7.71 6.28 16.18
C PHE A 286 8.14 7.27 15.08
N LYS A 287 9.33 7.88 15.21
CA LYS A 287 9.86 8.70 14.11
C LYS A 287 11.19 8.12 13.68
N PRO A 288 11.35 7.84 12.38
CA PRO A 288 12.59 7.17 11.99
C PRO A 288 13.78 8.06 12.25
N GLN A 289 14.82 7.51 12.86
CA GLN A 289 16.01 8.29 13.22
C GLN A 289 17.04 8.25 12.10
N VAL A 290 17.08 9.30 11.28
CA VAL A 290 18.01 9.35 10.14
C VAL A 290 19.07 10.43 10.32
N THR A 291 20.33 10.08 10.04
CA THR A 291 21.42 11.04 10.18
C THR A 291 21.51 11.98 8.98
N SER A 292 21.47 11.40 7.78
CA SER A 292 21.46 12.15 6.52
C SER A 292 20.19 11.86 5.71
N GLU A 293 20.16 12.40 4.48
CA GLU A 293 19.12 12.11 3.49
C GLU A 293 19.38 10.80 2.76
N VAL A 294 20.61 10.32 2.81
CA VAL A 294 21.01 9.07 2.18
C VAL A 294 21.04 7.89 3.20
N ASP A 295 20.57 8.17 4.42
CA ASP A 295 20.55 7.17 5.48
C ASP A 295 19.42 6.17 5.22
N THR A 296 19.79 5.02 4.64
CA THR A 296 18.83 3.99 4.28
C THR A 296 18.76 2.82 5.30
N ARG A 297 18.93 3.12 6.59
CA ARG A 297 18.94 2.05 7.63
C ARG A 297 17.61 1.30 7.75
N TYR A 298 16.53 1.89 7.25
CA TYR A 298 15.20 1.29 7.38
C TYR A 298 14.81 0.56 6.10
N PHE A 299 15.83 0.20 5.33
CA PHE A 299 15.70 -0.66 4.18
C PHE A 299 16.70 -1.76 4.34
N ASP A 300 16.44 -2.90 3.72
CA ASP A 300 17.37 -4.04 3.76
C ASP A 300 18.70 -3.72 3.03
N ASP A 301 19.80 -3.98 3.73
CA ASP A 301 21.15 -3.86 3.17
C ASP A 301 21.32 -4.88 2.03
N GLU A 302 20.49 -5.93 2.05
CA GLU A 302 20.36 -6.84 0.92
C GLU A 302 20.19 -6.07 -0.40
N PHE A 303 19.25 -5.12 -0.41
CA PHE A 303 18.89 -4.40 -1.63
C PHE A 303 19.74 -3.14 -1.85
N THR A 304 20.02 -2.40 -0.77
CA THR A 304 20.76 -1.13 -0.89
C THR A 304 22.25 -1.26 -1.25
N ALA A 305 22.87 -2.38 -0.86
CA ALA A 305 24.30 -2.60 -1.10
C ALA A 305 24.65 -3.02 -2.54
N GLN A 306 23.66 -2.97 -3.44
CA GLN A 306 23.88 -3.25 -4.86
C GLN A 306 24.31 -1.98 -5.61
N SER A 307 25.04 -2.18 -6.71
CA SER A 307 25.37 -1.10 -7.64
C SER A 307 24.21 -0.91 -8.63
N ILE A 308 24.31 0.11 -9.48
CA ILE A 308 23.15 0.54 -10.29
C ILE A 308 23.50 1.09 -11.68
N THR A 309 22.63 0.79 -12.65
CA THR A 309 22.79 1.25 -14.03
C THR A 309 21.45 1.31 -14.78
N GLN A 330 2.80 8.42 -28.75
CA GLN A 330 2.93 7.33 -27.78
C GLN A 330 1.77 6.35 -27.86
N GLU A 331 0.56 6.88 -28.11
CA GLU A 331 -0.69 6.10 -28.12
C GLU A 331 -0.90 5.38 -26.78
N MET A 332 -0.08 4.36 -26.55
CA MET A 332 -0.20 3.50 -25.38
C MET A 332 0.04 4.28 -24.08
N PHE A 333 1.11 5.06 -24.03
CA PHE A 333 1.50 5.82 -22.84
C PHE A 333 1.24 7.32 -23.04
N GLU A 334 0.09 7.62 -23.62
CA GLU A 334 -0.30 9.00 -23.92
C GLU A 334 -0.60 9.80 -22.66
N ASP A 335 -1.17 9.11 -21.66
CA ASP A 335 -1.64 9.75 -20.44
C ASP A 335 -0.69 9.49 -19.26
N PHE A 336 0.49 8.95 -19.55
CA PHE A 336 1.44 8.56 -18.53
C PHE A 336 2.29 9.73 -18.03
N ASP A 337 2.76 10.59 -18.94
CA ASP A 337 3.68 11.66 -18.58
C ASP A 337 2.96 12.74 -17.78
N TYR A 338 3.70 13.40 -16.88
CA TYR A 338 3.10 14.27 -15.86
C TYR A 338 4.15 15.09 -15.08
N ILE A 339 3.71 16.28 -14.64
CA ILE A 339 4.48 17.20 -13.78
C ILE A 339 3.54 17.87 -12.78
N ALA A 340 3.95 17.96 -11.52
CA ALA A 340 3.10 18.39 -10.40
C ALA A 340 3.03 19.91 -10.22
N ASP A 341 1.88 20.39 -9.75
CA ASP A 341 1.70 21.82 -9.42
C ASP A 341 2.46 22.23 -8.14
N TRP A 342 2.50 21.33 -7.16
CA TRP A 342 3.28 21.52 -5.93
C TRP A 342 4.80 21.39 -6.18
N GLY B 1 11.05 -15.05 10.53
CA GLY B 1 11.16 -14.24 9.27
C GLY B 1 9.83 -13.76 8.70
N ARG B 2 8.92 -14.71 8.44
CA ARG B 2 7.70 -14.48 7.64
C ARG B 2 8.05 -13.94 6.25
N PRO B 3 8.13 -14.84 5.24
CA PRO B 3 8.57 -14.42 3.90
C PRO B 3 7.81 -13.22 3.30
N ARG B 4 8.45 -12.56 2.34
CA ARG B 4 7.88 -11.43 1.65
C ARG B 4 6.80 -11.93 0.68
N THR B 5 6.01 -10.99 0.15
CA THR B 5 4.86 -11.31 -0.71
C THR B 5 4.98 -10.58 -2.06
N THR B 6 4.20 -11.03 -3.05
CA THR B 6 4.26 -10.44 -4.38
C THR B 6 2.88 -10.44 -5.03
N SER B 7 2.39 -9.26 -5.39
CA SER B 7 1.06 -9.16 -6.00
C SER B 7 1.03 -9.79 -7.40
N PHE B 8 -0.17 -10.09 -7.87
CA PHE B 8 -0.37 -10.74 -9.16
C PHE B 8 -1.63 -10.20 -9.83
N ALA B 9 -1.83 -10.59 -11.09
CA ALA B 9 -3.01 -10.23 -11.85
C ALA B 9 -3.26 -11.29 -12.94
N GLU B 10 -4.28 -12.13 -12.72
CA GLU B 10 -4.76 -13.07 -13.74
C GLU B 10 -5.55 -12.26 -14.76
C1 L20 C . 10.59 3.89 -0.48
C2 L20 C . 9.68 4.85 -1.15
N3 L20 C . 9.56 6.13 -0.94
N4 L20 C . 8.58 6.69 -1.78
C6 L20 C . 8.08 5.68 -2.57
C7 L20 C . 7.10 5.64 -3.55
C8 L20 C . 6.83 4.45 -4.17
C9 L20 C . 7.48 3.26 -3.82
C10 L20 C . 8.45 3.28 -2.81
C11 L20 C . 8.75 4.50 -2.21
C12 L20 C . 7.10 1.96 -4.48
C13 L20 C . 6.79 1.87 -5.84
N14 L20 C . 6.44 0.71 -6.36
C15 L20 C . 6.34 -0.38 -5.64
C16 L20 C . 6.59 -0.37 -4.27
O17 L20 C . 6.43 -1.56 -3.65
C18 L20 C . 6.30 -1.80 -2.28
C19 L20 C . 6.50 -3.31 -2.22
N21 L20 C . 5.64 -4.01 -3.16
C25 L20 C . 7.90 -3.69 -2.68
C26 L20 C . 8.92 -3.18 -1.69
C27 L20 C . 9.25 -3.80 -0.53
N28 L20 C . 10.22 -3.06 0.11
C30 L20 C . 10.53 -1.93 -0.64
C31 L20 C . 11.42 -0.86 -0.44
C32 L20 C . 11.54 0.17 -1.37
C33 L20 C . 10.76 0.15 -2.51
C34 L20 C . 9.87 -0.89 -2.72
C35 L20 C . 9.73 -1.94 -1.79
C36 L20 C . 6.98 0.80 -3.69
#